data_4IV8
#
_entry.id   4IV8
#
_cell.length_a   169.710
_cell.length_b   96.760
_cell.length_c   38.460
_cell.angle_alpha   90.000
_cell.angle_beta   90.000
_cell.angle_gamma   90.000
#
_symmetry.space_group_name_H-M   'P 21 21 2'
#
loop_
_entity.id
_entity.type
_entity.pdbx_description
1 polymer 'Phosphoethanolamine N-methyltransferase,putative'
2 non-polymer S-ADENOSYLMETHIONINE
3 non-polymer BETA-MERCAPTOETHANOL
4 water water
#
_entity_poly.entity_id   1
_entity_poly.type   'polypeptide(L)'
_entity_poly.pdbx_seq_one_letter_code
;MGSSHHHHHHSSGLVPRGSHMVSESVDIEYLENNQYSDEGIKAYEFIFGEDYISSGGIVATTKILSDIYLEPNSKVLDIG
SGLGGGCKYINEKYDAHVYGVDICEKMIAIAKLRNKDKSKVEFEAMDILKKDFPECTFDMIYSRDAILHLPYADKKKLFE
KCYKWLKPNGILLITDYCADKIENWDEEFKAYINKRKYTLIPIQDYGDLIKSCNFQNVQAKDISDYWLELLQMELNKLEE
KKDEFLKLYPTDEYNSLKDGWTRKIKDTKRHLQKWGYFKAQKMV
;
_entity_poly.pdbx_strand_id   A,B
#
# COMPACT_ATOMS: atom_id res chain seq x y z
N GLY A 40 1.09 -8.73 2.86
CA GLY A 40 0.34 -9.49 1.83
C GLY A 40 -1.14 -9.15 1.78
N ILE A 41 -1.87 -9.85 0.90
CA ILE A 41 -3.27 -9.52 0.62
C ILE A 41 -4.18 -9.58 1.86
N LYS A 42 -3.96 -10.56 2.73
CA LYS A 42 -4.81 -10.69 3.92
C LYS A 42 -4.83 -9.41 4.78
N ALA A 43 -3.65 -8.85 5.05
CA ALA A 43 -3.57 -7.61 5.86
C ALA A 43 -4.33 -6.46 5.21
N TYR A 44 -4.13 -6.26 3.92
CA TYR A 44 -4.83 -5.20 3.20
C TYR A 44 -6.34 -5.41 3.19
N GLU A 45 -6.77 -6.65 2.97
CA GLU A 45 -8.18 -7.00 2.87
C GLU A 45 -8.93 -6.67 4.15
N PHE A 46 -8.31 -6.95 5.29
CA PHE A 46 -8.96 -6.63 6.57
C PHE A 46 -8.96 -5.12 6.84
N ILE A 47 -7.89 -4.45 6.45
CA ILE A 47 -7.85 -2.99 6.58
C ILE A 47 -9.00 -2.35 5.79
N PHE A 48 -9.14 -2.74 4.53
CA PHE A 48 -10.15 -2.13 3.67
C PHE A 48 -11.56 -2.59 4.07
N GLY A 49 -11.67 -3.85 4.48
CA GLY A 49 -12.98 -4.39 4.88
C GLY A 49 -13.52 -3.70 6.12
N GLU A 50 -12.64 -3.45 7.09
CA GLU A 50 -13.06 -2.73 8.29
C GLU A 50 -13.38 -1.28 7.99
N ASP A 51 -12.59 -0.67 7.11
CA ASP A 51 -12.84 0.72 6.69
C ASP A 51 -14.21 0.84 6.02
N TYR A 52 -14.56 -0.17 5.22
CA TYR A 52 -15.87 -0.19 4.58
C TYR A 52 -16.99 -0.25 5.61
N ILE A 53 -16.93 -1.21 6.51
CA ILE A 53 -18.06 -1.36 7.44
C ILE A 53 -18.18 -0.20 8.42
N SER A 54 -17.06 0.46 8.73
CA SER A 54 -17.16 1.64 9.59
C SER A 54 -17.38 2.93 8.79
N SER A 55 -17.57 2.78 7.48
CA SER A 55 -17.77 3.93 6.59
C SER A 55 -16.72 5.03 6.80
N GLY A 56 -15.48 4.62 7.01
CA GLY A 56 -14.37 5.54 7.19
C GLY A 56 -14.31 6.24 8.54
N GLY A 57 -15.11 5.78 9.50
CA GLY A 57 -15.14 6.41 10.82
C GLY A 57 -15.83 7.78 10.83
N ILE A 58 -16.42 8.15 9.70
CA ILE A 58 -16.98 9.49 9.55
C ILE A 58 -17.98 9.85 10.66
N VAL A 59 -18.86 8.93 11.00
CA VAL A 59 -19.93 9.23 11.95
C VAL A 59 -19.42 9.67 13.32
N ALA A 60 -18.56 8.87 13.94
CA ALA A 60 -18.06 9.20 15.27
C ALA A 60 -17.17 10.45 15.24
N THR A 61 -16.33 10.58 14.23
CA THR A 61 -15.46 11.76 14.08
C THR A 61 -16.25 13.08 14.03
N THR A 62 -17.28 13.11 13.18
CA THR A 62 -18.17 14.24 13.07
C THR A 62 -18.73 14.66 14.45
N LYS A 63 -19.22 13.68 15.21
CA LYS A 63 -19.84 13.97 16.51
C LYS A 63 -18.82 14.45 17.54
N ILE A 64 -17.71 13.73 17.63
CA ILE A 64 -16.67 14.04 18.59
C ILE A 64 -16.09 15.44 18.39
N LEU A 65 -16.10 15.94 17.15
CA LEU A 65 -15.55 17.26 16.86
C LEU A 65 -16.63 18.36 16.77
N SER A 66 -17.87 18.03 17.14
CA SER A 66 -18.97 18.94 16.89
C SER A 66 -18.91 20.23 17.71
N ASP A 67 -18.25 20.18 18.87
CA ASP A 67 -18.14 21.37 19.70
C ASP A 67 -16.69 21.80 19.84
N ILE A 68 -15.87 21.45 18.86
CA ILE A 68 -14.48 21.85 18.83
C ILE A 68 -14.34 22.96 17.82
N TYR A 69 -13.77 24.07 18.26
CA TYR A 69 -13.58 25.25 17.41
C TYR A 69 -12.11 25.55 17.22
N LEU A 70 -11.69 25.60 15.98
CA LEU A 70 -10.34 25.99 15.67
C LEU A 70 -10.45 27.09 14.63
N GLU A 71 -9.48 27.99 14.61
CA GLU A 71 -9.29 28.91 13.51
C GLU A 71 -8.11 28.41 12.71
N PRO A 72 -8.10 28.67 11.39
CA PRO A 72 -6.87 28.35 10.68
C PRO A 72 -5.81 29.38 11.06
N ASN A 73 -4.58 29.19 10.60
CA ASN A 73 -4.15 27.91 10.12
C ASN A 73 -3.63 27.19 11.36
N SER A 74 -4.57 26.63 12.14
CA SER A 74 -4.21 25.80 13.29
C SER A 74 -3.36 24.64 12.81
N LYS A 75 -2.53 24.09 13.69
CA LYS A 75 -1.82 22.85 13.43
C LYS A 75 -2.45 21.77 14.31
N VAL A 76 -2.68 20.59 13.73
CA VAL A 76 -3.27 19.45 14.47
C VAL A 76 -2.45 18.17 14.29
N LEU A 77 -2.25 17.44 15.39
CA LEU A 77 -1.59 16.15 15.35
C LEU A 77 -2.63 15.08 15.62
N ASP A 78 -2.68 14.06 14.76
CA ASP A 78 -3.60 12.95 14.92
C ASP A 78 -2.70 11.76 15.29
N ILE A 79 -2.84 11.27 16.51
CA ILE A 79 -2.06 10.12 16.96
C ILE A 79 -2.78 8.78 16.72
N GLY A 80 -2.21 7.98 15.82
CA GLY A 80 -2.87 6.75 15.37
C GLY A 80 -3.82 7.08 14.24
N SER A 81 -3.32 7.75 13.22
CA SER A 81 -4.17 8.32 12.16
C SER A 81 -4.79 7.31 11.17
N GLY A 82 -4.33 6.06 11.21
CA GLY A 82 -4.88 5.03 10.32
C GLY A 82 -4.87 5.38 8.83
N LEU A 83 -6.04 5.35 8.20
CA LEU A 83 -6.10 5.58 6.76
C LEU A 83 -6.24 7.05 6.43
N GLY A 84 -6.19 7.89 7.47
CA GLY A 84 -6.19 9.34 7.31
C GLY A 84 -7.53 10.04 7.22
N GLY A 85 -8.64 9.32 7.45
CA GLY A 85 -9.96 9.93 7.30
C GLY A 85 -10.23 11.06 8.29
N GLY A 86 -9.76 10.88 9.52
CA GLY A 86 -9.87 11.91 10.53
C GLY A 86 -9.05 13.14 10.15
N CYS A 87 -7.85 12.92 9.64
CA CYS A 87 -7.02 14.03 9.17
C CYS A 87 -7.73 14.77 8.03
N LYS A 88 -8.27 14.02 7.09
CA LYS A 88 -8.96 14.62 5.96
C LYS A 88 -10.09 15.49 6.45
N TYR A 89 -10.91 14.94 7.35
CA TYR A 89 -12.09 15.64 7.87
C TYR A 89 -11.71 16.92 8.63
N ILE A 90 -10.69 16.82 9.46
CA ILE A 90 -10.28 17.98 10.24
C ILE A 90 -9.76 19.11 9.34
N ASN A 91 -9.00 18.77 8.32
CA ASN A 91 -8.52 19.77 7.37
C ASN A 91 -9.69 20.39 6.61
N GLU A 92 -10.62 19.56 6.16
CA GLU A 92 -11.81 20.08 5.47
C GLU A 92 -12.70 20.97 6.33
N LYS A 93 -12.88 20.59 7.60
CA LYS A 93 -13.77 21.35 8.48
C LYS A 93 -13.16 22.69 8.95
N TYR A 94 -11.84 22.71 9.17
CA TYR A 94 -11.19 23.84 9.85
C TYR A 94 -10.14 24.56 9.01
N ASP A 95 -9.77 23.98 7.88
CA ASP A 95 -8.61 24.45 7.12
C ASP A 95 -7.33 24.44 7.97
N ALA A 96 -7.24 23.44 8.84
CA ALA A 96 -6.07 23.22 9.68
C ALA A 96 -5.01 22.43 8.93
N HIS A 97 -3.75 22.68 9.27
CA HIS A 97 -2.66 21.81 8.85
C HIS A 97 -2.79 20.61 9.74
N VAL A 98 -2.78 19.41 9.17
N VAL A 98 -2.78 19.41 9.17
CA VAL A 98 -2.89 18.20 9.98
CA VAL A 98 -2.89 18.21 9.99
C VAL A 98 -1.72 17.26 9.75
C VAL A 98 -1.70 17.27 9.75
N TYR A 99 -1.14 16.78 10.84
CA TYR A 99 -0.03 15.85 10.79
C TYR A 99 -0.47 14.53 11.41
N GLY A 100 -0.50 13.47 10.61
CA GLY A 100 -0.99 12.17 11.07
C GLY A 100 0.17 11.21 11.30
N VAL A 101 0.21 10.60 12.48
CA VAL A 101 1.23 9.61 12.79
C VAL A 101 0.60 8.24 13.04
N ASP A 102 1.17 7.19 12.44
CA ASP A 102 0.69 5.85 12.73
C ASP A 102 1.84 4.86 12.64
N ILE A 103 1.84 3.88 13.54
CA ILE A 103 2.91 2.88 13.56
C ILE A 103 2.82 1.90 12.38
N CYS A 104 1.66 1.85 11.72
CA CYS A 104 1.45 0.86 10.66
C CYS A 104 1.78 1.44 9.26
N GLU A 105 2.90 1.00 8.71
CA GLU A 105 3.39 1.56 7.47
C GLU A 105 2.41 1.38 6.32
N LYS A 106 1.72 0.24 6.30
CA LYS A 106 0.72 -0.06 5.26
C LYS A 106 -0.35 1.02 5.22
N MET A 107 -0.84 1.39 6.40
CA MET A 107 -1.93 2.39 6.50
C MET A 107 -1.48 3.78 6.08
N ILE A 108 -0.27 4.15 6.50
CA ILE A 108 0.31 5.43 6.12
C ILE A 108 0.45 5.51 4.60
N ALA A 109 0.90 4.42 4.01
CA ALA A 109 1.09 4.39 2.55
C ALA A 109 -0.24 4.65 1.84
N ILE A 110 -1.30 3.97 2.29
CA ILE A 110 -2.62 4.21 1.74
C ILE A 110 -3.08 5.64 2.01
N ALA A 111 -2.89 6.10 3.24
CA ALA A 111 -3.31 7.46 3.60
C ALA A 111 -2.70 8.50 2.67
N LYS A 112 -1.40 8.35 2.39
CA LYS A 112 -0.70 9.28 1.48
C LYS A 112 -1.33 9.27 0.10
N LEU A 113 -1.71 8.09 -0.36
CA LEU A 113 -2.23 7.93 -1.70
C LEU A 113 -3.64 8.49 -1.79
N ARG A 114 -4.39 8.41 -0.70
CA ARG A 114 -5.75 8.94 -0.67
C ARG A 114 -5.80 10.46 -0.51
N ASN A 115 -4.68 11.07 -0.15
CA ASN A 115 -4.65 12.50 0.17
C ASN A 115 -3.46 13.23 -0.43
N LYS A 116 -3.43 13.37 -1.76
CA LYS A 116 -2.27 13.94 -2.45
C LYS A 116 -2.26 15.47 -2.47
N ASP A 117 -3.19 16.06 -3.21
CA ASP A 117 -3.27 17.51 -3.39
C ASP A 117 -3.07 18.32 -2.11
N LYS A 118 -3.73 17.90 -1.04
CA LYS A 118 -3.73 18.68 0.19
C LYS A 118 -2.32 18.80 0.75
N SER A 119 -1.57 19.81 0.29
CA SER A 119 -0.27 20.13 0.85
C SER A 119 -0.38 20.29 2.36
N LYS A 120 -1.60 20.56 2.81
CA LYS A 120 -1.91 20.86 4.21
C LYS A 120 -2.08 19.62 5.11
N VAL A 121 -2.07 18.42 4.52
CA VAL A 121 -2.21 17.16 5.26
C VAL A 121 -0.97 16.29 5.05
N GLU A 122 -0.30 15.91 6.15
CA GLU A 122 0.95 15.15 6.08
C GLU A 122 0.83 13.89 6.90
N PHE A 123 1.51 12.83 6.47
CA PHE A 123 1.53 11.56 7.20
C PHE A 123 2.94 11.05 7.45
N GLU A 124 3.10 10.34 8.55
CA GLU A 124 4.37 9.74 8.91
C GLU A 124 4.19 8.42 9.62
N ALA A 125 4.94 7.43 9.15
CA ALA A 125 4.98 6.10 9.75
C ALA A 125 6.02 6.07 10.85
N MET A 126 5.54 5.96 12.08
CA MET A 126 6.42 5.90 13.24
C MET A 126 5.61 5.61 14.51
N ASP A 127 6.28 4.96 15.46
CA ASP A 127 5.78 4.88 16.82
C ASP A 127 5.78 6.31 17.39
N ILE A 128 4.58 6.82 17.74
CA ILE A 128 4.47 8.14 18.37
C ILE A 128 5.46 8.30 19.55
N LEU A 129 5.75 7.22 20.27
CA LEU A 129 6.70 7.30 21.37
C LEU A 129 8.10 7.70 20.91
N LYS A 130 8.45 7.42 19.65
CA LYS A 130 9.78 7.79 19.14
C LYS A 130 9.78 9.15 18.46
N LYS A 131 8.61 9.78 18.42
CA LYS A 131 8.49 11.06 17.77
C LYS A 131 8.88 12.21 18.70
N ASP A 132 9.47 13.24 18.12
CA ASP A 132 9.78 14.48 18.81
C ASP A 132 9.26 15.66 18.01
N PHE A 133 8.59 16.57 18.69
CA PHE A 133 8.16 17.82 18.09
C PHE A 133 8.62 18.95 19.01
N PRO A 134 8.93 20.11 18.42
CA PRO A 134 9.20 21.28 19.25
C PRO A 134 8.06 21.56 20.24
N GLU A 135 8.41 22.11 21.40
CA GLU A 135 7.42 22.61 22.34
C GLU A 135 6.46 23.58 21.67
N CYS A 136 5.19 23.53 22.05
CA CYS A 136 4.20 24.50 21.59
C CYS A 136 3.99 24.50 20.08
N THR A 137 3.88 23.32 19.51
CA THR A 137 3.72 23.17 18.08
C THR A 137 2.26 23.15 17.65
N PHE A 138 1.39 22.49 18.44
CA PHE A 138 0.02 22.18 18.00
C PHE A 138 -1.10 22.90 18.74
N ASP A 139 -2.15 23.24 18.02
CA ASP A 139 -3.39 23.76 18.60
C ASP A 139 -4.28 22.67 19.18
N MET A 140 -4.18 21.47 18.61
CA MET A 140 -4.95 20.32 19.07
C MET A 140 -4.15 19.05 18.83
N ILE A 141 -4.23 18.13 19.77
CA ILE A 141 -3.71 16.79 19.59
C ILE A 141 -4.94 15.90 19.77
N TYR A 142 -5.19 15.07 18.76
CA TYR A 142 -6.39 14.29 18.67
C TYR A 142 -5.98 12.82 18.51
N SER A 143 -6.66 11.92 19.21
CA SER A 143 -6.30 10.49 19.10
C SER A 143 -7.52 9.61 19.31
N ARG A 144 -7.83 8.77 18.33
CA ARG A 144 -9.01 7.92 18.42
C ARG A 144 -8.65 6.43 18.55
N ASP A 145 -8.86 5.87 19.73
CA ASP A 145 -8.74 4.41 19.97
C ASP A 145 -7.37 3.83 19.60
N ALA A 146 -6.33 4.50 20.08
CA ALA A 146 -4.95 4.14 19.79
C ALA A 146 -4.20 3.91 21.08
N ILE A 147 -4.49 4.71 22.09
CA ILE A 147 -3.65 4.70 23.29
C ILE A 147 -3.79 3.40 24.11
N LEU A 148 -4.78 2.56 23.82
CA LEU A 148 -4.87 1.26 24.52
C LEU A 148 -3.68 0.39 24.12
N HIS A 149 -3.04 0.76 23.01
CA HIS A 149 -1.87 0.05 22.50
C HIS A 149 -0.62 0.31 23.29
N LEU A 150 -0.69 1.20 24.30
CA LEU A 150 0.48 1.60 25.09
C LEU A 150 0.41 1.03 26.51
N PRO A 151 1.51 0.43 26.99
CA PRO A 151 1.63 0.03 28.40
C PRO A 151 1.54 1.23 29.36
N TYR A 152 1.32 0.98 30.64
CA TYR A 152 1.01 2.09 31.55
C TYR A 152 2.03 3.26 31.60
N ALA A 153 3.31 2.98 31.88
CA ALA A 153 4.32 4.03 31.88
C ALA A 153 4.36 4.81 30.55
N ASP A 154 4.12 4.11 29.45
CA ASP A 154 4.15 4.70 28.12
C ASP A 154 2.97 5.63 27.86
N LYS A 155 1.79 5.26 28.38
CA LYS A 155 0.65 6.18 28.34
C LYS A 155 1.07 7.52 28.98
N LYS A 156 1.70 7.45 30.14
CA LYS A 156 2.13 8.65 30.87
C LYS A 156 3.19 9.46 30.12
N LYS A 157 4.19 8.78 29.59
CA LYS A 157 5.21 9.41 28.75
C LYS A 157 4.56 10.15 27.59
N LEU A 158 3.57 9.51 26.97
CA LEU A 158 2.86 10.13 25.85
C LEU A 158 2.12 11.39 26.28
N PHE A 159 1.38 11.32 27.39
CA PHE A 159 0.65 12.52 27.83
C PHE A 159 1.61 13.66 28.21
N GLU A 160 2.77 13.32 28.78
CA GLU A 160 3.79 14.35 29.08
C GLU A 160 4.29 15.00 27.78
N LYS A 161 4.51 14.18 26.76
CA LYS A 161 4.91 14.67 25.45
C LYS A 161 3.83 15.57 24.86
N CYS A 162 2.57 15.12 24.97
CA CYS A 162 1.44 15.89 24.48
C CYS A 162 1.33 17.26 25.17
N TYR A 163 1.50 17.26 26.48
CA TYR A 163 1.53 18.52 27.22
C TYR A 163 2.58 19.47 26.65
N LYS A 164 3.78 18.97 26.42
CA LYS A 164 4.85 19.79 25.86
C LYS A 164 4.55 20.30 24.44
N TRP A 165 4.03 19.40 23.60
CA TRP A 165 3.79 19.72 22.19
C TRP A 165 2.67 20.69 21.94
N LEU A 166 1.75 20.80 22.88
CA LEU A 166 0.61 21.71 22.71
C LEU A 166 1.04 23.17 22.92
N LYS A 167 0.35 24.07 22.22
CA LYS A 167 0.48 25.51 22.47
C LYS A 167 -0.29 25.81 23.72
N PRO A 168 -0.01 26.95 24.37
CA PRO A 168 -0.80 27.34 25.56
C PRO A 168 -2.29 27.37 25.22
N ASN A 169 -3.14 26.91 26.12
CA ASN A 169 -4.57 26.77 25.82
C ASN A 169 -4.94 25.71 24.77
N GLY A 170 -3.96 24.92 24.34
CA GLY A 170 -4.17 23.90 23.29
C GLY A 170 -5.07 22.80 23.83
N ILE A 171 -5.75 22.09 22.93
CA ILE A 171 -6.73 21.07 23.30
C ILE A 171 -6.17 19.66 23.10
N LEU A 172 -6.33 18.81 24.09
CA LEU A 172 -6.10 17.37 23.96
C LEU A 172 -7.46 16.68 23.90
N LEU A 173 -7.69 15.82 22.88
CA LEU A 173 -8.99 15.23 22.66
C LEU A 173 -8.79 13.78 22.28
N ILE A 174 -9.30 12.87 23.10
CA ILE A 174 -8.99 11.45 23.00
C ILE A 174 -10.26 10.61 23.19
N THR A 175 -10.44 9.59 22.37
CA THR A 175 -11.31 8.46 22.78
C THR A 175 -10.42 7.23 22.96
N ASP A 176 -10.80 6.34 23.88
CA ASP A 176 -9.98 5.16 24.13
C ASP A 176 -10.85 4.14 24.86
N TYR A 177 -10.44 2.88 24.79
CA TYR A 177 -11.17 1.81 25.47
C TYR A 177 -10.63 1.66 26.87
N CYS A 178 -11.55 1.63 27.84
CA CYS A 178 -11.18 1.53 29.24
C CYS A 178 -11.76 0.26 29.88
N ALA A 179 -11.10 -0.19 30.94
CA ALA A 179 -11.61 -1.32 31.71
C ALA A 179 -12.85 -0.86 32.48
N ASP A 180 -13.83 -1.75 32.61
CA ASP A 180 -15.02 -1.48 33.40
C ASP A 180 -15.18 -2.54 34.48
N LYS A 181 -16.12 -3.47 34.27
CA LYS A 181 -16.41 -4.45 35.32
C LYS A 181 -15.45 -5.62 35.21
N ILE A 182 -14.28 -5.50 35.83
CA ILE A 182 -13.29 -6.58 35.72
C ILE A 182 -13.77 -7.87 36.41
N GLU A 183 -14.74 -7.78 37.31
CA GLU A 183 -15.32 -9.00 37.88
C GLU A 183 -16.14 -9.79 36.84
N ASN A 184 -16.37 -9.19 35.67
CA ASN A 184 -17.02 -9.88 34.57
C ASN A 184 -16.05 -10.49 33.56
N TRP A 185 -14.77 -10.12 33.65
CA TRP A 185 -13.79 -10.62 32.71
C TRP A 185 -13.64 -12.11 32.83
N ASP A 186 -13.58 -12.80 31.70
CA ASP A 186 -13.44 -14.25 31.66
C ASP A 186 -12.24 -14.61 30.80
N GLU A 187 -11.99 -15.91 30.63
CA GLU A 187 -10.75 -16.38 30.00
C GLU A 187 -10.68 -16.03 28.51
N GLU A 188 -11.83 -15.98 27.86
CA GLU A 188 -11.88 -15.59 26.45
C GLU A 188 -11.56 -14.09 26.27
N PHE A 189 -12.02 -13.25 27.20
CA PHE A 189 -11.75 -11.81 27.10
C PHE A 189 -10.28 -11.51 27.41
N LYS A 190 -9.80 -12.06 28.52
CA LYS A 190 -8.41 -11.91 28.89
C LYS A 190 -7.45 -12.34 27.78
N ALA A 191 -7.77 -13.45 27.09
CA ALA A 191 -6.94 -13.97 26.02
C ALA A 191 -7.00 -13.09 24.75
N TYR A 192 -8.15 -12.46 24.54
CA TYR A 192 -8.30 -11.54 23.42
C TYR A 192 -7.41 -10.31 23.61
N ILE A 193 -7.41 -9.74 24.81
CA ILE A 193 -6.66 -8.51 25.05
C ILE A 193 -5.17 -8.80 25.21
N ASN A 194 -4.84 -9.89 25.89
CA ASN A 194 -3.44 -10.28 26.02
C ASN A 194 -2.82 -10.53 24.64
N LYS A 195 -3.59 -11.12 23.74
CA LYS A 195 -3.12 -11.42 22.40
C LYS A 195 -2.94 -10.18 21.52
N ARG A 196 -3.83 -9.21 21.68
CA ARG A 196 -3.72 -7.97 20.92
C ARG A 196 -2.84 -6.94 21.65
N LYS A 197 -2.40 -7.31 22.86
CA LYS A 197 -1.49 -6.49 23.66
C LYS A 197 -2.12 -5.15 24.03
N TYR A 198 -3.41 -5.18 24.37
CA TYR A 198 -4.11 -4.03 24.90
C TYR A 198 -3.83 -3.85 26.38
N THR A 199 -3.64 -2.61 26.81
CA THR A 199 -3.55 -2.28 28.22
C THR A 199 -4.74 -1.38 28.61
N LEU A 200 -5.73 -1.95 29.29
CA LEU A 200 -6.96 -1.24 29.63
C LEU A 200 -6.95 -0.78 31.06
N ILE A 201 -7.30 0.49 31.28
CA ILE A 201 -7.47 1.02 32.63
C ILE A 201 -8.85 1.70 32.76
N PRO A 202 -9.34 1.88 33.99
CA PRO A 202 -10.64 2.51 34.25
C PRO A 202 -10.66 3.99 33.87
N ILE A 203 -11.80 4.47 33.40
CA ILE A 203 -11.95 5.88 33.02
C ILE A 203 -11.40 6.82 34.10
N GLN A 204 -11.68 6.49 35.36
CA GLN A 204 -11.28 7.35 36.47
C GLN A 204 -9.75 7.51 36.58
N ASP A 205 -9.04 6.40 36.47
CA ASP A 205 -7.59 6.43 36.53
C ASP A 205 -7.01 7.13 35.30
N TYR A 206 -7.65 6.93 34.14
CA TYR A 206 -7.21 7.54 32.88
C TYR A 206 -7.27 9.07 33.02
N GLY A 207 -8.40 9.56 33.51
CA GLY A 207 -8.57 10.97 33.78
C GLY A 207 -7.53 11.51 34.78
N ASP A 208 -7.26 10.74 35.83
CA ASP A 208 -6.29 11.17 36.83
C ASP A 208 -4.89 11.25 36.22
N LEU A 209 -4.58 10.30 35.34
CA LEU A 209 -3.29 10.25 34.67
C LEU A 209 -3.06 11.51 33.82
N ILE A 210 -4.10 11.90 33.08
CA ILE A 210 -4.04 13.13 32.29
C ILE A 210 -3.85 14.33 33.23
N LYS A 211 -4.61 14.37 34.32
CA LYS A 211 -4.47 15.46 35.30
C LYS A 211 -3.06 15.53 35.86
N SER A 212 -2.42 14.39 36.05
CA SER A 212 -1.11 14.36 36.69
C SER A 212 -0.03 14.96 35.79
N CYS A 213 -0.37 15.18 34.51
CA CYS A 213 0.56 15.76 33.54
C CYS A 213 0.35 17.28 33.38
N ASN A 214 -0.45 17.87 34.26
CA ASN A 214 -0.66 19.31 34.26
C ASN A 214 -1.84 19.83 33.46
N PHE A 215 -2.50 18.94 32.72
CA PHE A 215 -3.68 19.35 31.98
C PHE A 215 -4.78 19.94 32.88
N GLN A 216 -5.45 20.95 32.34
CA GLN A 216 -6.52 21.66 33.03
C GLN A 216 -7.85 21.30 32.43
N ASN A 217 -8.90 21.54 33.20
CA ASN A 217 -10.27 21.36 32.75
C ASN A 217 -10.51 19.97 32.17
N VAL A 218 -9.98 18.96 32.85
CA VAL A 218 -10.04 17.59 32.35
C VAL A 218 -11.46 17.03 32.43
N GLN A 219 -11.98 16.63 31.27
CA GLN A 219 -13.26 15.96 31.18
C GLN A 219 -13.01 14.49 30.88
N ALA A 220 -13.71 13.63 31.60
CA ALA A 220 -13.58 12.21 31.43
C ALA A 220 -14.99 11.62 31.46
N LYS A 221 -15.51 11.22 30.31
CA LYS A 221 -16.89 10.78 30.18
C LYS A 221 -17.02 9.39 29.58
N ASP A 222 -18.03 8.65 30.04
CA ASP A 222 -18.35 7.33 29.50
C ASP A 222 -19.30 7.47 28.30
N ILE A 223 -18.82 7.10 27.11
CA ILE A 223 -19.62 7.16 25.90
C ILE A 223 -19.94 5.75 25.35
N SER A 224 -19.96 4.76 26.24
CA SER A 224 -20.24 3.38 25.88
C SER A 224 -21.61 3.17 25.19
N ASP A 225 -22.61 3.95 25.59
CA ASP A 225 -23.92 3.94 24.92
C ASP A 225 -23.76 4.27 23.45
N TYR A 226 -23.01 5.34 23.16
CA TYR A 226 -22.75 5.76 21.79
C TYR A 226 -21.96 4.68 21.04
N TRP A 227 -21.02 4.05 21.74
CA TRP A 227 -20.21 2.98 21.17
C TRP A 227 -21.05 1.81 20.73
N LEU A 228 -22.03 1.43 21.54
CA LEU A 228 -22.91 0.32 21.16
C LEU A 228 -23.69 0.66 19.90
N GLU A 229 -24.18 1.89 19.83
CA GLU A 229 -24.96 2.33 18.68
C GLU A 229 -24.12 2.32 17.37
N LEU A 230 -22.85 2.71 17.45
CA LEU A 230 -21.94 2.64 16.30
C LEU A 230 -21.66 1.19 15.90
N LEU A 231 -21.31 0.36 16.85
CA LEU A 231 -21.11 -1.05 16.60
C LEU A 231 -22.31 -1.70 15.90
N GLN A 232 -23.51 -1.45 16.40
CA GLN A 232 -24.70 -2.08 15.84
C GLN A 232 -24.84 -1.63 14.40
N MET A 233 -24.72 -0.34 14.15
CA MET A 233 -24.87 0.20 12.81
C MET A 233 -23.85 -0.33 11.84
N GLU A 234 -22.65 -0.50 12.32
CA GLU A 234 -21.61 -1.10 11.49
C GLU A 234 -21.94 -2.57 11.19
N LEU A 235 -22.39 -3.32 12.19
CA LEU A 235 -22.77 -4.72 11.94
C LEU A 235 -23.98 -4.77 10.99
N ASN A 236 -24.93 -3.86 11.17
CA ASN A 236 -26.10 -3.83 10.31
C ASN A 236 -25.71 -3.58 8.85
N LYS A 237 -24.77 -2.67 8.64
CA LYS A 237 -24.26 -2.38 7.30
C LYS A 237 -23.64 -3.64 6.69
N LEU A 238 -22.85 -4.36 7.49
CA LEU A 238 -22.20 -5.56 6.98
C LEU A 238 -23.23 -6.60 6.54
N GLU A 239 -24.26 -6.83 7.36
CA GLU A 239 -25.26 -7.84 7.05
C GLU A 239 -26.11 -7.44 5.83
N GLU A 240 -26.48 -6.16 5.76
CA GLU A 240 -27.29 -5.65 4.65
C GLU A 240 -26.58 -5.82 3.30
N LYS A 241 -25.28 -5.53 3.29
CA LYS A 241 -24.50 -5.51 2.07
C LYS A 241 -23.71 -6.80 1.82
N LYS A 242 -24.11 -7.90 2.45
CA LYS A 242 -23.32 -9.13 2.34
C LYS A 242 -22.97 -9.48 0.89
N ASP A 243 -23.94 -9.46 -0.01
CA ASP A 243 -23.70 -9.83 -1.41
C ASP A 243 -22.70 -8.91 -2.13
N GLU A 244 -22.79 -7.61 -1.85
CA GLU A 244 -21.85 -6.67 -2.44
C GLU A 244 -20.46 -6.84 -1.83
N PHE A 245 -20.43 -7.07 -0.51
CA PHE A 245 -19.16 -7.28 0.19
C PHE A 245 -18.38 -8.46 -0.44
N LEU A 246 -19.10 -9.53 -0.77
CA LEU A 246 -18.48 -10.74 -1.33
C LEU A 246 -17.96 -10.61 -2.76
N LYS A 247 -18.37 -9.57 -3.47
CA LYS A 247 -17.78 -9.30 -4.77
C LYS A 247 -16.33 -8.82 -4.61
N LEU A 248 -16.01 -8.34 -3.41
CA LEU A 248 -14.69 -7.74 -3.19
C LEU A 248 -13.85 -8.46 -2.15
N TYR A 249 -14.50 -9.16 -1.22
CA TYR A 249 -13.80 -9.75 -0.10
C TYR A 249 -14.10 -11.22 -0.04
N PRO A 250 -13.15 -12.02 0.47
CA PRO A 250 -13.37 -13.46 0.50
C PRO A 250 -14.41 -13.79 1.54
N THR A 251 -15.16 -14.86 1.33
CA THR A 251 -16.17 -15.31 2.29
C THR A 251 -15.66 -15.45 3.73
N ASP A 252 -14.41 -15.87 3.88
CA ASP A 252 -13.82 -16.00 5.21
C ASP A 252 -13.75 -14.66 5.95
N GLU A 253 -13.48 -13.57 5.25
CA GLU A 253 -13.40 -12.26 5.91
C GLU A 253 -14.78 -11.76 6.38
N TYR A 254 -15.79 -11.88 5.52
CA TYR A 254 -17.14 -11.60 5.92
C TYR A 254 -17.48 -12.26 7.25
N ASN A 255 -17.23 -13.57 7.35
CA ASN A 255 -17.60 -14.31 8.55
C ASN A 255 -16.82 -13.87 9.77
N SER A 256 -15.53 -13.60 9.58
CA SER A 256 -14.64 -13.17 10.65
C SER A 256 -15.09 -11.82 11.21
N LEU A 257 -15.38 -10.89 10.29
CA LEU A 257 -15.84 -9.55 10.68
C LEU A 257 -17.21 -9.61 11.36
N LYS A 258 -18.14 -10.38 10.81
CA LYS A 258 -19.45 -10.52 11.45
C LYS A 258 -19.31 -11.05 12.88
N ASP A 259 -18.56 -12.15 13.03
CA ASP A 259 -18.36 -12.71 14.36
C ASP A 259 -17.61 -11.74 15.27
N GLY A 260 -16.65 -11.01 14.73
CA GLY A 260 -15.88 -10.03 15.50
C GLY A 260 -16.76 -8.91 16.02
N TRP A 261 -17.57 -8.31 15.16
CA TRP A 261 -18.45 -7.24 15.59
C TRP A 261 -19.49 -7.75 16.53
N THR A 262 -19.95 -8.97 16.32
CA THR A 262 -20.92 -9.59 17.24
C THR A 262 -20.34 -9.73 18.66
N ARG A 263 -19.10 -10.21 18.75
CA ARG A 263 -18.37 -10.29 20.01
C ARG A 263 -18.22 -8.95 20.71
N LYS A 264 -17.81 -7.92 19.98
CA LYS A 264 -17.62 -6.59 20.54
C LYS A 264 -18.90 -6.04 21.15
N ILE A 265 -20.00 -6.20 20.42
CA ILE A 265 -21.29 -5.76 20.94
C ILE A 265 -21.60 -6.52 22.24
N LYS A 266 -21.36 -7.83 22.23
CA LYS A 266 -21.55 -8.64 23.44
C LYS A 266 -20.65 -8.16 24.60
N ASP A 267 -19.36 -7.94 24.33
CA ASP A 267 -18.43 -7.42 25.33
C ASP A 267 -18.92 -6.11 25.95
N THR A 268 -19.41 -5.20 25.10
CA THR A 268 -19.88 -3.91 25.60
C THR A 268 -21.15 -4.03 26.46
N LYS A 269 -22.12 -4.82 26.00
CA LYS A 269 -23.35 -4.99 26.78
C LYS A 269 -23.08 -5.63 28.15
N ARG A 270 -22.07 -6.50 28.21
CA ARG A 270 -21.67 -7.16 29.47
C ARG A 270 -20.82 -6.26 30.37
N HIS A 271 -20.58 -5.04 29.91
CA HIS A 271 -19.86 -4.04 30.71
C HIS A 271 -18.45 -4.45 31.07
N LEU A 272 -17.81 -5.22 30.20
CA LEU A 272 -16.41 -5.57 30.38
C LEU A 272 -15.54 -4.33 30.22
N GLN A 273 -15.94 -3.45 29.31
CA GLN A 273 -15.17 -2.24 29.01
C GLN A 273 -16.05 -1.02 28.75
N LYS A 274 -15.51 0.17 28.98
CA LYS A 274 -16.21 1.43 28.67
C LYS A 274 -15.46 2.14 27.56
N TRP A 275 -16.19 2.81 26.67
CA TRP A 275 -15.54 3.70 25.73
C TRP A 275 -15.38 5.04 26.39
N GLY A 276 -14.14 5.48 26.56
CA GLY A 276 -13.90 6.73 27.28
C GLY A 276 -13.68 7.92 26.36
N TYR A 277 -14.20 9.06 26.78
CA TYR A 277 -14.00 10.34 26.09
C TYR A 277 -13.23 11.24 27.04
N PHE A 278 -12.12 11.81 26.54
CA PHE A 278 -11.29 12.69 27.35
C PHE A 278 -10.95 13.96 26.59
N LYS A 279 -11.12 15.08 27.28
CA LYS A 279 -10.73 16.36 26.70
C LYS A 279 -10.10 17.19 27.80
N ALA A 280 -9.01 17.87 27.47
CA ALA A 280 -8.32 18.73 28.42
C ALA A 280 -7.64 19.85 27.65
N GLN A 281 -7.10 20.80 28.39
CA GLN A 281 -6.32 21.87 27.79
C GLN A 281 -5.05 22.13 28.53
N LYS A 282 -4.03 22.55 27.79
CA LYS A 282 -2.83 23.01 28.38
C LYS A 282 -3.16 24.36 29.03
N MET A 283 -2.56 24.65 30.17
CA MET A 283 -2.78 25.92 30.83
C MET A 283 -2.29 27.05 29.94
N VAL A 284 -2.91 28.23 30.05
CA VAL A 284 -2.37 29.39 29.34
C VAL A 284 -0.92 29.63 29.77
N GLY B 40 -8.07 1.69 -3.62
CA GLY B 40 -9.16 0.79 -3.14
C GLY B 40 -8.83 -0.69 -3.17
N ILE B 41 -9.66 -1.50 -2.52
CA ILE B 41 -9.37 -2.94 -2.40
C ILE B 41 -9.26 -3.65 -3.75
N LYS B 42 -10.09 -3.28 -4.72
CA LYS B 42 -10.06 -3.96 -6.03
C LYS B 42 -8.65 -3.92 -6.67
N ALA B 43 -8.00 -2.76 -6.65
CA ALA B 43 -6.69 -2.64 -7.29
C ALA B 43 -5.63 -3.49 -6.59
N TYR B 44 -5.58 -3.41 -5.28
CA TYR B 44 -4.69 -4.24 -4.48
C TYR B 44 -4.91 -5.74 -4.71
N GLU B 45 -6.17 -6.15 -4.74
CA GLU B 45 -6.53 -7.55 -4.94
C GLU B 45 -6.02 -8.13 -6.23
N PHE B 46 -6.14 -7.35 -7.29
CA PHE B 46 -5.64 -7.79 -8.60
C PHE B 46 -4.12 -7.77 -8.67
N ILE B 47 -3.50 -6.80 -8.01
CA ILE B 47 -2.04 -6.76 -7.94
C ILE B 47 -1.50 -8.02 -7.25
N PHE B 48 -2.08 -8.34 -6.09
CA PHE B 48 -1.59 -9.49 -5.34
C PHE B 48 -1.98 -10.81 -5.99
N GLY B 49 -3.16 -10.88 -6.59
CA GLY B 49 -3.61 -12.12 -7.23
C GLY B 49 -2.76 -12.47 -8.44
N GLU B 50 -2.38 -11.46 -9.20
CA GLU B 50 -1.53 -11.70 -10.36
C GLU B 50 -0.13 -12.10 -9.90
N ASP B 51 0.33 -11.48 -8.81
CA ASP B 51 1.64 -11.83 -8.23
C ASP B 51 1.67 -13.28 -7.74
N TYR B 52 0.57 -13.71 -7.13
CA TYR B 52 0.45 -15.09 -6.70
C TYR B 52 0.55 -16.06 -7.88
N ILE B 53 -0.23 -15.84 -8.93
CA ILE B 53 -0.23 -16.82 -10.02
C ILE B 53 1.08 -16.83 -10.84
N SER B 54 1.75 -15.70 -10.92
CA SER B 54 3.05 -15.64 -11.59
C SER B 54 4.21 -16.02 -10.66
N SER B 55 3.87 -16.41 -9.43
CA SER B 55 4.86 -16.76 -8.40
C SER B 55 5.95 -15.71 -8.33
N GLY B 56 5.54 -14.44 -8.41
CA GLY B 56 6.47 -13.32 -8.29
C GLY B 56 7.33 -13.13 -9.51
N GLY B 57 7.07 -13.89 -10.56
CA GLY B 57 7.74 -13.67 -11.84
C GLY B 57 9.14 -14.25 -11.82
N ILE B 58 9.40 -15.12 -10.86
CA ILE B 58 10.78 -15.48 -10.58
C ILE B 58 11.36 -16.46 -11.59
N VAL B 59 10.50 -17.27 -12.18
CA VAL B 59 10.94 -18.23 -13.16
C VAL B 59 11.51 -17.56 -14.42
N ALA B 60 10.80 -16.57 -14.96
CA ALA B 60 11.24 -15.87 -16.16
C ALA B 60 12.50 -15.05 -15.89
N THR B 61 12.52 -14.34 -14.78
CA THR B 61 13.66 -13.53 -14.39
C THR B 61 14.92 -14.36 -14.30
N THR B 62 14.81 -15.48 -13.61
CA THR B 62 15.93 -16.39 -13.45
C THR B 62 16.55 -16.76 -14.79
N LYS B 63 15.71 -17.13 -15.75
CA LYS B 63 16.19 -17.63 -17.05
C LYS B 63 16.78 -16.49 -17.85
N ILE B 64 16.06 -15.39 -17.92
CA ILE B 64 16.53 -14.20 -18.61
C ILE B 64 17.89 -13.69 -18.08
N LEU B 65 18.14 -13.83 -16.79
CA LEU B 65 19.46 -13.42 -16.28
C LEU B 65 20.50 -14.54 -16.16
N SER B 66 20.22 -15.71 -16.74
CA SER B 66 21.07 -16.89 -16.53
C SER B 66 22.45 -16.78 -17.16
N ASP B 67 22.57 -15.93 -18.16
CA ASP B 67 23.85 -15.72 -18.84
C ASP B 67 24.29 -14.26 -18.74
N ILE B 68 23.83 -13.57 -17.71
CA ILE B 68 24.22 -12.19 -17.44
C ILE B 68 25.22 -12.16 -16.28
N TYR B 69 26.36 -11.53 -16.51
CA TYR B 69 27.41 -11.49 -15.51
C TYR B 69 27.73 -10.08 -15.08
N LEU B 70 27.55 -9.82 -13.78
CA LEU B 70 27.89 -8.54 -13.20
C LEU B 70 28.83 -8.80 -12.04
N GLU B 71 29.78 -7.90 -11.84
CA GLU B 71 30.62 -7.92 -10.66
C GLU B 71 30.15 -6.76 -9.79
N PRO B 72 29.86 -7.03 -8.50
CA PRO B 72 29.46 -5.91 -7.65
C PRO B 72 30.63 -4.95 -7.50
N ASN B 73 30.38 -3.76 -6.97
CA ASN B 73 29.04 -3.31 -6.73
C ASN B 73 28.56 -2.63 -8.00
N SER B 74 28.03 -3.43 -8.91
CA SER B 74 27.38 -2.93 -10.11
C SER B 74 26.18 -2.13 -9.70
N LYS B 75 25.72 -1.24 -10.57
CA LYS B 75 24.54 -0.44 -10.32
C LYS B 75 23.54 -0.81 -11.40
N VAL B 76 22.31 -1.12 -11.01
CA VAL B 76 21.31 -1.55 -11.97
C VAL B 76 20.04 -0.73 -11.85
N LEU B 77 19.41 -0.43 -12.98
CA LEU B 77 18.11 0.23 -13.02
C LEU B 77 17.09 -0.77 -13.57
N ASP B 78 15.95 -0.88 -12.89
CA ASP B 78 14.87 -1.76 -13.32
C ASP B 78 13.70 -0.84 -13.66
N ILE B 79 13.40 -0.75 -14.96
CA ILE B 79 12.32 0.11 -15.48
C ILE B 79 10.99 -0.65 -15.55
N GLY B 80 10.03 -0.25 -14.71
CA GLY B 80 8.77 -1.00 -14.57
C GLY B 80 8.92 -2.07 -13.51
N SER B 81 9.43 -1.69 -12.33
CA SER B 81 9.85 -2.65 -11.33
C SER B 81 8.72 -3.38 -10.57
N GLY B 82 7.49 -2.92 -10.70
CA GLY B 82 6.35 -3.63 -10.10
C GLY B 82 6.47 -3.80 -8.59
N LEU B 83 6.28 -5.01 -8.10
CA LEU B 83 6.38 -5.27 -6.65
C LEU B 83 7.82 -5.47 -6.16
N GLY B 84 8.79 -5.25 -7.04
CA GLY B 84 10.19 -5.29 -6.64
C GLY B 84 10.89 -6.64 -6.71
N GLY B 85 10.20 -7.67 -7.17
CA GLY B 85 10.78 -9.03 -7.22
C GLY B 85 12.06 -9.17 -8.03
N GLY B 86 12.07 -8.57 -9.23
CA GLY B 86 13.27 -8.58 -10.06
C GLY B 86 14.44 -7.88 -9.40
N CYS B 87 14.16 -6.75 -8.76
CA CYS B 87 15.18 -6.00 -8.03
C CYS B 87 15.77 -6.86 -6.89
N LYS B 88 14.89 -7.48 -6.13
CA LYS B 88 15.32 -8.33 -5.03
C LYS B 88 16.23 -9.43 -5.54
N TYR B 89 15.76 -10.15 -6.57
CA TYR B 89 16.54 -11.22 -7.20
C TYR B 89 17.90 -10.77 -7.73
N ILE B 90 17.93 -9.65 -8.45
CA ILE B 90 19.20 -9.14 -8.99
C ILE B 90 20.18 -8.79 -7.87
N ASN B 91 19.68 -8.16 -6.81
CA ASN B 91 20.54 -7.86 -5.67
C ASN B 91 21.11 -9.14 -5.02
N GLU B 92 20.26 -10.15 -4.85
CA GLU B 92 20.66 -11.40 -4.22
C GLU B 92 21.64 -12.20 -5.07
N LYS B 93 21.43 -12.20 -6.37
CA LYS B 93 22.29 -12.95 -7.25
C LYS B 93 23.65 -12.27 -7.47
N TYR B 94 23.69 -10.92 -7.51
CA TYR B 94 24.91 -10.21 -7.86
C TYR B 94 25.45 -9.29 -6.77
N ASP B 95 24.68 -9.08 -5.71
CA ASP B 95 25.03 -8.08 -4.70
C ASP B 95 25.25 -6.73 -5.37
N ALA B 96 24.39 -6.43 -6.35
CA ALA B 96 24.40 -5.14 -7.04
C ALA B 96 23.44 -4.17 -6.36
N HIS B 97 23.71 -2.87 -6.49
CA HIS B 97 22.76 -1.88 -6.09
C HIS B 97 21.70 -1.89 -7.13
N VAL B 98 20.44 -1.84 -6.74
N VAL B 98 20.44 -1.84 -6.72
CA VAL B 98 19.36 -1.86 -7.72
CA VAL B 98 19.34 -1.86 -7.67
C VAL B 98 18.36 -0.74 -7.44
C VAL B 98 18.42 -0.68 -7.41
N TYR B 99 18.03 0.01 -8.47
CA TYR B 99 17.10 1.12 -8.36
C TYR B 99 15.87 0.80 -9.21
N GLY B 100 14.72 0.59 -8.57
CA GLY B 100 13.51 0.22 -9.29
C GLY B 100 12.59 1.42 -9.49
N VAL B 101 12.19 1.67 -10.73
CA VAL B 101 11.25 2.78 -11.03
C VAL B 101 9.94 2.19 -11.54
N ASP B 102 8.83 2.68 -11.01
CA ASP B 102 7.51 2.27 -11.53
C ASP B 102 6.51 3.42 -11.43
N ILE B 103 5.69 3.58 -12.46
CA ILE B 103 4.68 4.64 -12.47
C ILE B 103 3.54 4.39 -11.48
N CYS B 104 3.37 3.14 -11.05
CA CYS B 104 2.27 2.78 -10.13
C CYS B 104 2.66 2.96 -8.66
N GLU B 105 2.09 3.98 -8.03
CA GLU B 105 2.51 4.31 -6.66
C GLU B 105 2.21 3.21 -5.64
N LYS B 106 1.07 2.54 -5.78
CA LYS B 106 0.69 1.41 -4.91
C LYS B 106 1.76 0.32 -4.89
N MET B 107 2.25 -0.02 -6.08
CA MET B 107 3.25 -1.09 -6.21
C MET B 107 4.57 -0.71 -5.58
N ILE B 108 5.00 0.53 -5.80
CA ILE B 108 6.21 1.06 -5.19
C ILE B 108 6.08 0.99 -3.67
N ALA B 109 4.90 1.36 -3.16
CA ALA B 109 4.70 1.34 -1.71
C ALA B 109 4.87 -0.06 -1.16
N ILE B 110 4.25 -1.03 -1.82
CA ILE B 110 4.39 -2.44 -1.47
C ILE B 110 5.85 -2.90 -1.62
N ALA B 111 6.47 -2.56 -2.73
CA ALA B 111 7.88 -2.94 -2.95
C ALA B 111 8.78 -2.47 -1.81
N LYS B 112 8.65 -1.19 -1.43
CA LYS B 112 9.47 -0.65 -0.34
C LYS B 112 9.23 -1.45 0.93
N LEU B 113 7.98 -1.82 1.18
CA LEU B 113 7.64 -2.55 2.39
C LEU B 113 8.18 -3.98 2.39
N ARG B 114 8.28 -4.58 1.20
CA ARG B 114 8.79 -5.95 1.05
C ARG B 114 10.31 -6.03 1.16
N ASN B 115 10.99 -4.90 1.02
CA ASN B 115 12.45 -4.89 0.92
C ASN B 115 13.09 -3.83 1.82
N LYS B 116 12.75 -3.86 3.10
CA LYS B 116 13.12 -2.76 4.00
C LYS B 116 14.60 -2.76 4.34
N ASP B 117 15.08 -3.84 4.94
CA ASP B 117 16.48 -3.96 5.39
C ASP B 117 17.50 -3.57 4.31
N LYS B 118 17.33 -4.10 3.10
CA LYS B 118 18.35 -3.97 2.06
C LYS B 118 18.60 -2.53 1.61
N SER B 119 19.66 -1.93 2.16
CA SER B 119 20.09 -0.60 1.78
C SER B 119 20.45 -0.50 0.29
N LYS B 120 20.88 -1.63 -0.29
CA LYS B 120 21.30 -1.67 -1.70
C LYS B 120 20.12 -1.73 -2.71
N VAL B 121 18.89 -1.82 -2.22
CA VAL B 121 17.72 -1.80 -3.12
C VAL B 121 16.88 -0.55 -2.85
N GLU B 122 16.60 0.22 -3.89
CA GLU B 122 15.87 1.47 -3.77
C GLU B 122 14.70 1.48 -4.75
N PHE B 123 13.62 2.17 -4.39
CA PHE B 123 12.46 2.26 -5.27
C PHE B 123 11.96 3.69 -5.40
N GLU B 124 11.41 4.03 -6.56
CA GLU B 124 10.83 5.34 -6.81
C GLU B 124 9.61 5.28 -7.69
N ALA B 125 8.53 5.94 -7.24
CA ALA B 125 7.31 6.07 -8.05
C ALA B 125 7.42 7.25 -8.99
N MET B 126 7.48 6.96 -10.29
CA MET B 126 7.56 8.01 -11.29
C MET B 126 7.49 7.40 -12.68
N ASP B 127 6.94 8.18 -13.61
CA ASP B 127 7.00 7.88 -15.03
C ASP B 127 8.48 7.95 -15.42
N ILE B 128 9.04 6.83 -15.89
CA ILE B 128 10.46 6.78 -16.27
C ILE B 128 10.81 7.89 -17.27
N LEU B 129 9.84 8.30 -18.08
CA LEU B 129 10.09 9.34 -19.09
C LEU B 129 10.37 10.69 -18.41
N LYS B 130 9.92 10.85 -17.18
CA LYS B 130 10.18 12.07 -16.42
C LYS B 130 11.44 11.95 -15.56
N LYS B 131 12.02 10.75 -15.48
CA LYS B 131 13.26 10.59 -14.72
C LYS B 131 14.45 11.15 -15.45
N ASP B 132 15.38 11.70 -14.68
CA ASP B 132 16.70 11.99 -15.18
C ASP B 132 17.74 11.40 -14.23
N PHE B 133 18.76 10.77 -14.79
CA PHE B 133 19.89 10.26 -14.02
C PHE B 133 21.12 10.87 -14.67
N PRO B 134 22.24 10.97 -13.93
CA PRO B 134 23.47 11.42 -14.56
C PRO B 134 23.95 10.45 -15.66
N GLU B 135 24.66 10.98 -16.63
CA GLU B 135 25.35 10.15 -17.62
C GLU B 135 26.21 9.10 -16.92
N CYS B 136 26.31 7.91 -17.51
CA CYS B 136 27.13 6.82 -16.97
C CYS B 136 26.87 6.48 -15.51
N THR B 137 25.61 6.22 -15.19
CA THR B 137 25.23 5.86 -13.84
C THR B 137 25.16 4.33 -13.65
N PHE B 138 24.65 3.64 -14.68
CA PHE B 138 24.28 2.21 -14.58
C PHE B 138 25.14 1.22 -15.38
N ASP B 139 25.46 0.08 -14.77
CA ASP B 139 26.07 -1.06 -15.47
C ASP B 139 25.07 -1.90 -16.29
N MET B 140 23.80 -1.87 -15.88
CA MET B 140 22.70 -2.58 -16.61
C MET B 140 21.42 -1.82 -16.41
N ILE B 141 20.62 -1.76 -17.47
CA ILE B 141 19.30 -1.24 -17.37
C ILE B 141 18.46 -2.41 -17.86
N TYR B 142 17.49 -2.80 -17.03
CA TYR B 142 16.71 -3.99 -17.22
C TYR B 142 15.24 -3.63 -17.19
N SER B 143 14.43 -4.20 -18.08
CA SER B 143 13.00 -3.84 -18.15
C SER B 143 12.19 -5.01 -18.68
N ARG B 144 11.27 -5.49 -17.86
CA ARG B 144 10.42 -6.60 -18.22
C ARG B 144 8.98 -6.16 -18.49
N ASP B 145 8.62 -6.13 -19.78
CA ASP B 145 7.23 -5.95 -20.25
C ASP B 145 6.60 -4.66 -19.76
N ALA B 146 7.34 -3.57 -19.91
CA ALA B 146 6.90 -2.27 -19.46
C ALA B 146 6.82 -1.32 -20.65
N ILE B 147 7.72 -1.53 -21.61
CA ILE B 147 7.87 -0.56 -22.70
C ILE B 147 6.68 -0.57 -23.70
N LEU B 148 5.85 -1.61 -23.70
CA LEU B 148 4.64 -1.58 -24.55
C LEU B 148 3.71 -0.45 -24.14
N HIS B 149 3.92 0.06 -22.92
CA HIS B 149 3.13 1.15 -22.37
C HIS B 149 3.49 2.50 -22.94
N LEU B 150 4.53 2.57 -23.78
CA LEU B 150 4.99 3.83 -24.35
C LEU B 150 4.62 3.96 -25.83
N PRO B 151 4.15 5.14 -26.24
CA PRO B 151 3.91 5.40 -27.66
C PRO B 151 5.23 5.45 -28.41
N TYR B 152 5.18 5.38 -29.75
CA TYR B 152 6.42 5.18 -30.51
C TYR B 152 7.55 6.19 -30.22
N ALA B 153 7.26 7.49 -30.35
CA ALA B 153 8.28 8.51 -30.10
C ALA B 153 8.88 8.36 -28.70
N ASP B 154 8.03 7.99 -27.75
CA ASP B 154 8.44 7.81 -26.36
C ASP B 154 9.35 6.60 -26.13
N LYS B 155 9.12 5.51 -26.88
CA LYS B 155 10.07 4.39 -26.88
C LYS B 155 11.47 4.87 -27.26
N LYS B 156 11.56 5.61 -28.36
CA LYS B 156 12.83 6.16 -28.84
C LYS B 156 13.49 7.07 -27.79
N LYS B 157 12.67 7.91 -27.18
CA LYS B 157 13.10 8.85 -26.15
C LYS B 157 13.75 8.11 -24.97
N LEU B 158 13.09 7.03 -24.56
CA LEU B 158 13.60 6.20 -23.47
C LEU B 158 14.92 5.52 -23.82
N PHE B 159 15.01 4.94 -25.01
CA PHE B 159 16.24 4.27 -25.40
C PHE B 159 17.42 5.25 -25.45
N GLU B 160 17.16 6.48 -25.90
CA GLU B 160 18.21 7.52 -25.89
C GLU B 160 18.66 7.83 -24.44
N LYS B 161 17.68 7.96 -23.56
CA LYS B 161 17.97 8.15 -22.14
C LYS B 161 18.80 6.99 -21.61
N CYS B 162 18.40 5.77 -21.96
CA CYS B 162 19.09 4.57 -21.49
C CYS B 162 20.53 4.60 -21.97
N TYR B 163 20.72 5.03 -23.22
CA TYR B 163 22.08 5.14 -23.76
C TYR B 163 22.93 6.07 -22.90
N LYS B 164 22.40 7.24 -22.59
CA LYS B 164 23.11 8.22 -21.77
C LYS B 164 23.44 7.67 -20.38
N TRP B 165 22.44 7.01 -19.77
CA TRP B 165 22.56 6.59 -18.37
C TRP B 165 23.46 5.42 -18.14
N LEU B 166 23.72 4.64 -19.18
CA LEU B 166 24.60 3.49 -19.03
C LEU B 166 26.07 3.90 -18.98
N LYS B 167 26.86 3.11 -18.26
CA LYS B 167 28.31 3.26 -18.21
C LYS B 167 28.91 2.63 -19.47
N PRO B 168 30.16 3.01 -19.80
CA PRO B 168 30.88 2.32 -20.87
C PRO B 168 30.78 0.82 -20.70
N ASN B 169 30.38 0.12 -21.76
CA ASN B 169 30.20 -1.33 -21.69
C ASN B 169 28.90 -1.78 -21.04
N GLY B 170 28.08 -0.83 -20.59
CA GLY B 170 26.83 -1.16 -19.90
C GLY B 170 25.89 -1.95 -20.78
N ILE B 171 25.02 -2.77 -20.18
CA ILE B 171 24.09 -3.54 -21.00
C ILE B 171 22.62 -3.11 -20.81
N LEU B 172 21.89 -3.11 -21.92
CA LEU B 172 20.46 -2.85 -21.94
C LEU B 172 19.80 -4.20 -22.13
N LEU B 173 18.88 -4.56 -21.22
CA LEU B 173 18.25 -5.90 -21.31
C LEU B 173 16.75 -5.79 -21.13
N ILE B 174 15.99 -6.20 -22.15
CA ILE B 174 14.55 -5.94 -22.20
C ILE B 174 13.75 -7.12 -22.71
N THR B 175 12.58 -7.36 -22.11
CA THR B 175 11.56 -8.14 -22.81
C THR B 175 10.36 -7.22 -23.02
N ASP B 176 9.67 -7.40 -24.14
CA ASP B 176 8.51 -6.58 -24.44
C ASP B 176 7.64 -7.33 -25.43
N TYR B 177 6.37 -6.96 -25.48
CA TYR B 177 5.44 -7.55 -26.46
C TYR B 177 5.54 -6.84 -27.79
N CYS B 178 5.58 -7.63 -28.85
CA CYS B 178 5.75 -7.12 -30.21
C CYS B 178 4.61 -7.57 -31.09
N ALA B 179 4.34 -6.79 -32.13
CA ALA B 179 3.33 -7.13 -33.11
C ALA B 179 3.83 -8.30 -33.95
N ASP B 180 2.93 -9.24 -34.27
CA ASP B 180 3.29 -10.32 -35.17
C ASP B 180 2.37 -10.36 -36.42
N LYS B 181 1.43 -11.30 -36.46
CA LYS B 181 0.53 -11.43 -37.63
C LYS B 181 -0.63 -10.46 -37.51
N ILE B 182 -0.45 -9.21 -37.95
CA ILE B 182 -1.55 -8.24 -37.87
C ILE B 182 -2.74 -8.63 -38.75
N GLU B 183 -2.50 -9.45 -39.77
CA GLU B 183 -3.60 -10.04 -40.56
C GLU B 183 -4.53 -10.95 -39.74
N ASN B 184 -4.08 -11.36 -38.56
CA ASN B 184 -4.92 -12.13 -37.65
C ASN B 184 -5.65 -11.26 -36.64
N TRP B 185 -5.26 -9.99 -36.55
CA TRP B 185 -5.83 -9.08 -35.57
C TRP B 185 -7.28 -8.89 -35.85
N ASP B 186 -8.09 -8.96 -34.80
CA ASP B 186 -9.52 -8.84 -34.94
C ASP B 186 -10.06 -7.76 -33.99
N GLU B 187 -11.38 -7.57 -34.02
CA GLU B 187 -12.05 -6.51 -33.27
C GLU B 187 -11.86 -6.61 -31.75
N GLU B 188 -11.86 -7.82 -31.21
CA GLU B 188 -11.68 -7.98 -29.78
C GLU B 188 -10.23 -7.69 -29.35
N PHE B 189 -9.27 -8.04 -30.21
CA PHE B 189 -7.86 -7.78 -29.90
C PHE B 189 -7.54 -6.28 -29.91
N LYS B 190 -7.89 -5.62 -31.01
CA LYS B 190 -7.65 -4.18 -31.15
C LYS B 190 -8.26 -3.36 -30.01
N ALA B 191 -9.47 -3.74 -29.58
CA ALA B 191 -10.15 -3.04 -28.51
C ALA B 191 -9.44 -3.29 -27.18
N TYR B 192 -8.81 -4.45 -27.06
CA TYR B 192 -8.07 -4.79 -25.85
C TYR B 192 -6.81 -3.93 -25.78
N ILE B 193 -6.10 -3.82 -26.90
CA ILE B 193 -4.85 -3.05 -26.91
C ILE B 193 -5.15 -1.55 -26.83
N ASN B 194 -6.12 -1.10 -27.63
CA ASN B 194 -6.58 0.28 -27.57
C ASN B 194 -6.96 0.68 -26.15
N LYS B 195 -7.68 -0.21 -25.46
CA LYS B 195 -8.12 0.06 -24.10
C LYS B 195 -6.98 0.13 -23.07
N ARG B 196 -6.02 -0.78 -23.17
CA ARG B 196 -4.91 -0.82 -22.22
C ARG B 196 -3.84 0.22 -22.62
N LYS B 197 -4.02 0.81 -23.79
CA LYS B 197 -3.09 1.81 -24.31
C LYS B 197 -1.71 1.22 -24.60
N TYR B 198 -1.69 0.02 -25.16
CA TYR B 198 -0.45 -0.61 -25.60
C TYR B 198 -0.09 -0.10 -26.99
N THR B 199 1.20 0.05 -27.23
CA THR B 199 1.71 0.37 -28.56
C THR B 199 2.68 -0.74 -29.01
N LEU B 200 2.21 -1.64 -29.89
CA LEU B 200 2.98 -2.80 -30.30
C LEU B 200 3.65 -2.62 -31.65
N ILE B 201 4.93 -2.97 -31.73
CA ILE B 201 5.64 -2.97 -33.01
C ILE B 201 6.33 -4.34 -33.25
N PRO B 202 6.69 -4.63 -34.51
CA PRO B 202 7.40 -5.87 -34.88
C PRO B 202 8.79 -5.98 -34.24
N ILE B 203 9.23 -7.21 -33.99
CA ILE B 203 10.56 -7.42 -33.40
C ILE B 203 11.63 -6.71 -34.22
N GLN B 204 11.49 -6.76 -35.55
CA GLN B 204 12.50 -6.19 -36.45
C GLN B 204 12.68 -4.69 -36.23
N ASP B 205 11.56 -3.97 -36.21
CA ASP B 205 11.54 -2.52 -36.05
C ASP B 205 12.06 -2.12 -34.67
N TYR B 206 11.74 -2.92 -33.67
CA TYR B 206 12.18 -2.70 -32.29
C TYR B 206 13.71 -2.80 -32.20
N GLY B 207 14.26 -3.88 -32.76
CA GLY B 207 15.70 -4.05 -32.79
C GLY B 207 16.42 -2.90 -33.48
N ASP B 208 15.82 -2.41 -34.56
CA ASP B 208 16.37 -1.32 -35.37
C ASP B 208 16.29 0.01 -34.63
N LEU B 209 15.18 0.22 -33.91
CA LEU B 209 15.01 1.41 -33.10
C LEU B 209 16.10 1.50 -32.02
N ILE B 210 16.40 0.37 -31.39
CA ILE B 210 17.47 0.34 -30.39
C ILE B 210 18.81 0.68 -31.07
N LYS B 211 19.08 0.02 -32.19
CA LYS B 211 20.31 0.27 -32.96
C LYS B 211 20.47 1.73 -33.34
N SER B 212 19.37 2.43 -33.59
CA SER B 212 19.45 3.82 -34.01
C SER B 212 19.83 4.76 -32.88
N CYS B 213 19.86 4.25 -31.64
CA CYS B 213 20.27 5.06 -30.49
C CYS B 213 21.75 4.82 -30.12
N ASN B 214 22.47 4.17 -31.02
CA ASN B 214 23.92 3.97 -30.91
C ASN B 214 24.37 2.72 -30.17
N PHE B 215 23.40 1.92 -29.72
CA PHE B 215 23.72 0.65 -29.08
C PHE B 215 24.39 -0.28 -30.08
N GLN B 216 25.28 -1.14 -29.58
CA GLN B 216 25.98 -2.10 -30.42
C GLN B 216 25.64 -3.48 -29.91
N ASN B 217 26.14 -4.50 -30.59
CA ASN B 217 25.96 -5.89 -30.18
C ASN B 217 24.46 -6.17 -29.94
N VAL B 218 23.61 -5.55 -30.75
CA VAL B 218 22.16 -5.65 -30.54
C VAL B 218 21.61 -7.01 -30.92
N GLN B 219 21.02 -7.70 -29.95
CA GLN B 219 20.39 -8.99 -30.18
C GLN B 219 18.88 -8.85 -30.01
N ALA B 220 18.12 -9.42 -30.94
CA ALA B 220 16.68 -9.31 -30.96
C ALA B 220 16.05 -10.66 -31.27
N LYS B 221 15.52 -11.31 -30.23
CA LYS B 221 15.05 -12.70 -30.32
C LYS B 221 13.57 -12.88 -30.01
N ASP B 222 12.95 -13.82 -30.73
CA ASP B 222 11.58 -14.22 -30.48
C ASP B 222 11.56 -15.29 -29.40
N ILE B 223 11.02 -14.96 -28.23
CA ILE B 223 10.92 -15.93 -27.17
C ILE B 223 9.45 -16.28 -26.88
N SER B 224 8.60 -16.23 -27.90
CA SER B 224 7.16 -16.55 -27.78
C SER B 224 6.85 -17.98 -27.29
N ASP B 225 7.66 -18.94 -27.70
CA ASP B 225 7.49 -20.34 -27.23
C ASP B 225 7.62 -20.40 -25.71
N TYR B 226 8.58 -19.66 -25.17
CA TYR B 226 8.79 -19.61 -23.72
C TYR B 226 7.65 -18.88 -23.02
N TRP B 227 7.22 -17.76 -23.60
CA TRP B 227 6.03 -17.04 -23.18
C TRP B 227 4.84 -17.95 -23.04
N LEU B 228 4.61 -18.80 -24.04
CA LEU B 228 3.49 -19.73 -24.00
C LEU B 228 3.63 -20.67 -22.80
N GLU B 229 4.84 -21.14 -22.58
CA GLU B 229 5.10 -22.10 -21.53
C GLU B 229 4.84 -21.48 -20.14
N LEU B 230 5.25 -20.22 -19.97
CA LEU B 230 5.05 -19.50 -18.71
C LEU B 230 3.58 -19.27 -18.46
N LEU B 231 2.87 -18.85 -19.49
CA LEU B 231 1.44 -18.60 -19.39
C LEU B 231 0.67 -19.86 -18.95
N GLN B 232 0.99 -21.00 -19.55
CA GLN B 232 0.27 -22.23 -19.20
C GLN B 232 0.55 -22.62 -17.76
N MET B 233 1.81 -22.53 -17.36
CA MET B 233 2.21 -22.86 -16.00
C MET B 233 1.47 -21.97 -14.97
N GLU B 234 1.28 -20.71 -15.31
CA GLU B 234 0.55 -19.79 -14.45
C GLU B 234 -0.95 -20.11 -14.40
N LEU B 235 -1.56 -20.39 -15.57
CA LEU B 235 -2.95 -20.83 -15.58
C LEU B 235 -3.10 -22.16 -14.81
N ASN B 236 -2.12 -23.04 -14.97
CA ASN B 236 -2.16 -24.33 -14.29
C ASN B 236 -2.17 -24.13 -12.77
N LYS B 237 -1.28 -23.26 -12.29
CA LYS B 237 -1.22 -22.97 -10.86
C LYS B 237 -2.55 -22.43 -10.35
N LEU B 238 -3.13 -21.51 -11.11
CA LEU B 238 -4.41 -20.91 -10.70
C LEU B 238 -5.50 -21.98 -10.54
N GLU B 239 -5.59 -22.87 -11.51
CA GLU B 239 -6.65 -23.87 -11.48
C GLU B 239 -6.42 -24.90 -10.38
N GLU B 240 -5.16 -25.28 -10.16
CA GLU B 240 -4.81 -26.23 -9.11
C GLU B 240 -5.17 -25.69 -7.73
N LYS B 241 -4.87 -24.41 -7.51
CA LYS B 241 -5.04 -23.79 -6.20
C LYS B 241 -6.36 -23.03 -6.05
N LYS B 242 -7.34 -23.28 -6.89
CA LYS B 242 -8.59 -22.51 -6.82
C LYS B 242 -9.15 -22.37 -5.41
N ASP B 243 -9.27 -23.49 -4.68
CA ASP B 243 -9.82 -23.46 -3.32
C ASP B 243 -9.04 -22.57 -2.35
N GLU B 244 -7.71 -22.68 -2.37
CA GLU B 244 -6.89 -21.83 -1.51
C GLU B 244 -6.95 -20.37 -1.95
N PHE B 245 -7.04 -20.14 -3.25
CA PHE B 245 -7.13 -18.78 -3.80
C PHE B 245 -8.39 -18.08 -3.27
N LEU B 246 -9.50 -18.81 -3.19
CA LEU B 246 -10.79 -18.25 -2.75
C LEU B 246 -10.87 -17.95 -1.26
N LYS B 247 -9.94 -18.46 -0.47
CA LYS B 247 -9.84 -18.07 0.92
C LYS B 247 -9.40 -16.62 1.02
N LEU B 248 -8.71 -16.16 -0.02
CA LEU B 248 -8.11 -14.83 0.01
C LEU B 248 -8.68 -13.84 -1.01
N TYR B 249 -9.22 -14.35 -2.10
CA TYR B 249 -9.68 -13.46 -3.16
C TYR B 249 -11.13 -13.77 -3.49
N PRO B 250 -11.88 -12.74 -3.94
CA PRO B 250 -13.29 -12.93 -4.24
C PRO B 250 -13.45 -13.80 -5.48
N THR B 251 -14.59 -14.48 -5.58
CA THR B 251 -14.84 -15.36 -6.70
C THR B 251 -14.73 -14.68 -8.06
N ASP B 252 -15.16 -13.42 -8.12
CA ASP B 252 -15.09 -12.66 -9.37
C ASP B 252 -13.65 -12.53 -9.90
N GLU B 253 -12.69 -12.34 -9.02
CA GLU B 253 -11.30 -12.22 -9.45
C GLU B 253 -10.75 -13.53 -10.01
N TYR B 254 -10.99 -14.63 -9.29
CA TYR B 254 -10.60 -15.93 -9.79
C TYR B 254 -11.07 -16.10 -11.24
N ASN B 255 -12.33 -15.77 -11.49
CA ASN B 255 -12.90 -15.95 -12.83
C ASN B 255 -12.32 -15.01 -13.84
N SER B 256 -12.08 -13.77 -13.42
CA SER B 256 -11.49 -12.78 -14.29
C SER B 256 -10.07 -13.19 -14.72
N LEU B 257 -9.26 -13.62 -13.76
CA LEU B 257 -7.89 -14.06 -14.05
C LEU B 257 -7.86 -15.32 -14.91
N LYS B 258 -8.72 -16.29 -14.59
CA LYS B 258 -8.75 -17.51 -15.41
C LYS B 258 -9.08 -17.16 -16.85
N ASP B 259 -10.15 -16.41 -17.05
CA ASP B 259 -10.55 -16.01 -18.40
C ASP B 259 -9.48 -15.18 -19.09
N GLY B 260 -8.78 -14.34 -18.33
CA GLY B 260 -7.72 -13.50 -18.88
C GLY B 260 -6.51 -14.27 -19.35
N TRP B 261 -6.04 -15.20 -18.52
CA TRP B 261 -4.90 -16.03 -18.90
C TRP B 261 -5.29 -16.91 -20.06
N THR B 262 -6.53 -17.39 -20.05
CA THR B 262 -6.98 -18.24 -21.15
C THR B 262 -6.93 -17.45 -22.47
N ARG B 263 -7.34 -16.20 -22.44
CA ARG B 263 -7.30 -15.34 -23.63
C ARG B 263 -5.88 -15.05 -24.10
N LYS B 264 -4.98 -14.81 -23.17
CA LYS B 264 -3.59 -14.55 -23.54
C LYS B 264 -2.96 -15.75 -24.25
N ILE B 265 -3.29 -16.94 -23.76
CA ILE B 265 -2.72 -18.13 -24.36
C ILE B 265 -3.25 -18.28 -25.79
N LYS B 266 -4.54 -18.04 -25.95
CA LYS B 266 -5.17 -18.07 -27.26
C LYS B 266 -4.57 -16.98 -28.19
N ASP B 267 -4.36 -15.77 -27.66
CA ASP B 267 -3.72 -14.70 -28.43
C ASP B 267 -2.37 -15.12 -28.98
N THR B 268 -1.57 -15.79 -28.14
CA THR B 268 -0.21 -16.19 -28.52
C THR B 268 -0.20 -17.33 -29.52
N LYS B 269 -1.09 -18.29 -29.29
CA LYS B 269 -1.20 -19.42 -30.21
C LYS B 269 -1.64 -18.96 -31.61
N ARG B 270 -2.48 -17.92 -31.67
CA ARG B 270 -2.93 -17.34 -32.96
C ARG B 270 -1.88 -16.43 -33.59
N HIS B 271 -0.74 -16.25 -32.90
CA HIS B 271 0.38 -15.47 -33.42
C HIS B 271 0.06 -14.01 -33.64
N LEU B 272 -0.83 -13.46 -32.82
CA LEU B 272 -1.14 -12.03 -32.88
C LEU B 272 0.09 -11.22 -32.44
N GLN B 273 0.82 -11.75 -31.47
CA GLN B 273 1.99 -11.04 -30.96
C GLN B 273 3.14 -11.98 -30.66
N LYS B 274 4.35 -11.42 -30.62
CA LYS B 274 5.54 -12.16 -30.20
C LYS B 274 6.06 -11.55 -28.90
N TRP B 275 6.65 -12.38 -28.06
CA TRP B 275 7.40 -11.87 -26.92
C TRP B 275 8.80 -11.63 -27.37
N GLY B 276 9.23 -10.38 -27.33
CA GLY B 276 10.57 -10.04 -27.80
C GLY B 276 11.57 -10.01 -26.66
N TYR B 277 12.78 -10.45 -26.97
CA TYR B 277 13.92 -10.40 -26.08
C TYR B 277 14.96 -9.53 -26.77
N PHE B 278 15.46 -8.52 -26.08
CA PHE B 278 16.47 -7.62 -26.65
C PHE B 278 17.64 -7.40 -25.68
N LYS B 279 18.87 -7.48 -26.20
CA LYS B 279 20.05 -7.18 -25.39
C LYS B 279 20.98 -6.35 -26.27
N ALA B 280 21.58 -5.32 -25.70
CA ALA B 280 22.48 -4.42 -26.43
C ALA B 280 23.51 -3.89 -25.44
N GLN B 281 24.52 -3.22 -25.95
CA GLN B 281 25.58 -2.75 -25.11
C GLN B 281 26.01 -1.36 -25.55
N LYS B 282 26.28 -0.51 -24.57
CA LYS B 282 26.89 0.78 -24.83
C LYS B 282 28.41 0.60 -24.95
N MET B 283 28.92 0.79 -26.16
CA MET B 283 30.34 0.68 -26.40
C MET B 283 30.92 2.07 -26.51
N VAL B 284 31.54 2.57 -25.46
CA VAL B 284 32.05 3.95 -25.47
C VAL B 284 33.55 4.04 -25.22
#